data_6F5R
#
_entry.id   6F5R
#
_cell.length_a   72.149
_cell.length_b   72.149
_cell.length_c   152.392
_cell.angle_alpha   90.000
_cell.angle_beta   90.000
_cell.angle_gamma   90.000
#
_symmetry.space_group_name_H-M   'P 43 21 2'
#
loop_
_entity.id
_entity.type
_entity.pdbx_description
1 polymer 'Lysine-specific demethylase 4D'
2 non-polymer 'ZINC ION'
3 non-polymer 'CHLORIDE ION'
4 non-polymer 1,2-ETHANEDIOL
5 non-polymer 'NICKEL (II) ION'
6 non-polymer 'SULFATE ION'
7 non-polymer '2-(3-oxidanylpropylamino)pyridine-4-carboxylic acid'
8 water water
#
_entity_poly.entity_id   1
_entity_poly.type   'polypeptide(L)'
_entity_poly.pdbx_seq_one_letter_code
;AQNPNCNIMIFHPTKEEFNDFDKYIAYMESQGAHRAGLAKIIPPKEWKARETYDNISEILIATPLQQVASGRAGVFTQYH
KKKKAMTVGEYRHLANSKKYQTPPHQNFEDLERKYWKNRIYNSPIYGADISGSLFDENTKQWNLGHLGTIQDLLEKECGV
VIEGVNTPYLYFGMWKTTFAWHTEDMDLYSINYLHLGEPKTWYVVPPEHGQRLERLARELFPGSSRGCGAFLRHKVALIS
PTVLKENGIPFNRITQEAGEFMVTFPYGYHAGFNHGFNCAEAINFATPRWIDYGKMASQCSCGEARVTFSMDAFVRILQP
ERYDLWK
;
_entity_poly.pdbx_strand_id   A
#
# COMPACT_ATOMS: atom_id res chain seq x y z
N ALA A 1 16.07 10.83 -20.89
CA ALA A 1 15.39 10.02 -19.87
C ALA A 1 13.88 10.24 -19.93
N GLN A 2 13.12 9.16 -19.75
CA GLN A 2 11.66 9.23 -19.81
C GLN A 2 11.09 9.70 -18.48
N ASN A 3 10.00 10.49 -18.56
CA ASN A 3 9.29 11.01 -17.39
C ASN A 3 10.19 11.72 -16.38
N PRO A 4 10.96 12.73 -16.81
CA PRO A 4 11.93 13.35 -15.88
C PRO A 4 11.33 14.13 -14.71
N ASN A 5 10.12 14.67 -14.83
CA ASN A 5 9.45 15.35 -13.71
C ASN A 5 8.81 14.36 -12.73
N CYS A 6 8.90 13.05 -12.99
CA CYS A 6 8.41 12.01 -12.06
C CYS A 6 6.90 12.09 -11.82
N ASN A 7 6.12 12.40 -12.88
CA ASN A 7 4.66 12.41 -12.82
C ASN A 7 4.06 10.99 -12.70
N ILE A 8 2.91 10.89 -12.03
CA ILE A 8 2.16 9.61 -11.99
C ILE A 8 1.54 9.36 -13.36
N MET A 9 1.86 8.21 -13.96
CA MET A 9 1.31 7.87 -15.27
C MET A 9 0.11 6.91 -15.16
N ILE A 10 -0.83 7.05 -16.12
CA ILE A 10 -2.04 6.23 -16.21
C ILE A 10 -2.01 5.43 -17.52
N PHE A 11 -2.25 4.11 -17.44
CA PHE A 11 -2.18 3.20 -18.58
C PHE A 11 -3.53 2.54 -18.87
N HIS A 12 -3.79 2.29 -20.18
CA HIS A 12 -5.04 1.71 -20.69
C HIS A 12 -4.72 0.52 -21.60
N PRO A 13 -4.27 -0.61 -21.04
CA PRO A 13 -3.94 -1.79 -21.88
C PRO A 13 -5.16 -2.36 -22.62
N THR A 14 -4.91 -2.83 -23.86
CA THR A 14 -5.88 -3.63 -24.59
C THR A 14 -5.97 -5.02 -23.97
N LYS A 15 -7.01 -5.80 -24.36
CA LYS A 15 -7.11 -7.14 -23.83
C LYS A 15 -5.95 -8.02 -24.28
N GLU A 16 -5.41 -7.75 -25.48
CA GLU A 16 -4.21 -8.46 -25.92
C GLU A 16 -3.00 -8.14 -25.05
N GLU A 17 -2.81 -6.87 -24.71
CA GLU A 17 -1.68 -6.45 -23.87
C GLU A 17 -1.81 -6.89 -22.42
N PHE A 18 -3.00 -7.30 -21.98
CA PHE A 18 -3.28 -7.70 -20.60
C PHE A 18 -2.97 -9.16 -20.34
N ASN A 19 -2.40 -9.89 -21.31
CA ASN A 19 -2.19 -11.32 -21.14
C ASN A 19 -0.89 -11.63 -20.40
N ASP A 20 0.17 -10.85 -20.63
CA ASP A 20 1.51 -11.13 -20.09
C ASP A 20 1.84 -10.06 -19.04
N PHE A 21 1.67 -10.42 -17.75
CA PHE A 21 1.85 -9.45 -16.66
C PHE A 21 3.28 -8.89 -16.63
N ASP A 22 4.29 -9.77 -16.62
CA ASP A 22 5.68 -9.32 -16.50
C ASP A 22 6.04 -8.40 -17.65
N LYS A 23 5.60 -8.73 -18.87
CA LYS A 23 5.92 -7.90 -20.02
C LYS A 23 5.31 -6.51 -19.92
N TYR A 24 4.12 -6.38 -19.33
CA TYR A 24 3.51 -5.05 -19.27
C TYR A 24 4.13 -4.19 -18.16
N ILE A 25 4.58 -4.79 -17.05
CA ILE A 25 5.37 -4.03 -16.06
C ILE A 25 6.62 -3.47 -16.72
N ALA A 26 7.33 -4.31 -17.47
CA ALA A 26 8.54 -3.85 -18.18
C ALA A 26 8.23 -2.73 -19.17
N TYR A 27 7.11 -2.82 -19.89
CA TYR A 27 6.69 -1.75 -20.79
C TYR A 27 6.46 -0.43 -20.04
N MET A 28 5.68 -0.47 -18.95
N MET A 28 5.68 -0.46 -18.94
CA MET A 28 5.45 0.75 -18.17
CA MET A 28 5.45 0.77 -18.19
C MET A 28 6.77 1.40 -17.75
C MET A 28 6.79 1.41 -17.78
N GLU A 29 7.75 0.60 -17.35
CA GLU A 29 9.04 1.14 -16.93
C GLU A 29 9.85 1.69 -18.13
N SER A 30 9.71 1.10 -19.31
CA SER A 30 10.36 1.68 -20.49
C SER A 30 9.84 3.08 -20.80
N GLN A 31 8.63 3.43 -20.35
CA GLN A 31 8.07 4.77 -20.49
C GLN A 31 8.34 5.69 -19.29
N GLY A 32 9.10 5.23 -18.31
CA GLY A 32 9.44 6.03 -17.14
C GLY A 32 8.47 5.99 -15.97
N ALA A 33 7.52 5.05 -15.96
CA ALA A 33 6.47 5.08 -14.94
C ALA A 33 7.03 4.94 -13.52
N HIS A 34 8.10 4.17 -13.35
CA HIS A 34 8.64 3.92 -12.00
C HIS A 34 9.20 5.17 -11.34
N ARG A 35 9.57 6.19 -12.12
CA ARG A 35 10.19 7.38 -11.52
C ARG A 35 9.23 8.09 -10.56
N ALA A 36 7.92 7.96 -10.76
CA ALA A 36 6.92 8.56 -9.87
C ALA A 36 6.78 7.81 -8.54
N GLY A 37 7.05 6.50 -8.51
CA GLY A 37 6.79 5.65 -7.34
C GLY A 37 5.46 4.89 -7.38
N LEU A 38 4.55 5.28 -8.28
CA LEU A 38 3.18 4.81 -8.31
C LEU A 38 2.66 4.99 -9.74
N ALA A 39 1.91 4.01 -10.26
CA ALA A 39 1.19 4.12 -11.53
C ALA A 39 -0.23 3.55 -11.38
N LYS A 40 -1.16 4.06 -12.20
CA LYS A 40 -2.53 3.56 -12.31
C LYS A 40 -2.69 2.74 -13.60
N ILE A 41 -3.37 1.59 -13.50
CA ILE A 41 -3.68 0.77 -14.68
C ILE A 41 -5.21 0.53 -14.74
N ILE A 42 -5.84 1.00 -15.82
CA ILE A 42 -7.27 0.80 -16.05
C ILE A 42 -7.44 -0.46 -16.89
N PRO A 43 -8.12 -1.51 -16.42
CA PRO A 43 -8.20 -2.78 -17.18
CA PRO A 43 -8.18 -2.77 -17.19
C PRO A 43 -9.01 -2.61 -18.45
N PRO A 44 -8.80 -3.47 -19.45
CA PRO A 44 -9.65 -3.39 -20.65
C PRO A 44 -11.12 -3.60 -20.32
N LYS A 45 -11.99 -3.04 -21.15
CA LYS A 45 -13.42 -3.01 -20.87
C LYS A 45 -14.05 -4.41 -20.86
N GLU A 46 -13.42 -5.39 -21.50
CA GLU A 46 -13.92 -6.76 -21.54
C GLU A 46 -13.58 -7.57 -20.29
N TRP A 47 -12.72 -7.06 -19.42
CA TRP A 47 -12.19 -7.82 -18.29
C TRP A 47 -13.06 -7.67 -17.05
N LYS A 48 -13.11 -8.72 -16.21
CA LYS A 48 -13.73 -8.60 -14.90
C LYS A 48 -12.99 -9.46 -13.88
N ALA A 49 -12.96 -8.99 -12.62
CA ALA A 49 -12.30 -9.74 -11.55
C ALA A 49 -13.15 -10.92 -11.07
N ARG A 50 -14.46 -10.76 -11.06
CA ARG A 50 -15.39 -11.82 -10.69
C ARG A 50 -16.79 -11.41 -11.15
N GLU A 51 -17.73 -12.35 -11.11
CA GLU A 51 -19.05 -12.09 -11.68
C GLU A 51 -19.86 -11.12 -10.82
N THR A 52 -19.93 -11.36 -9.50
CA THR A 52 -20.71 -10.55 -8.58
C THR A 52 -20.02 -10.51 -7.22
N TYR A 53 -20.34 -9.47 -6.43
CA TYR A 53 -19.89 -9.41 -5.04
C TYR A 53 -21.01 -9.80 -4.04
N ASP A 54 -22.04 -10.52 -4.52
CA ASP A 54 -23.00 -11.19 -3.63
C ASP A 54 -22.29 -12.05 -2.58
N ASN A 55 -22.76 -11.96 -1.34
CA ASN A 55 -22.36 -12.85 -0.25
C ASN A 55 -20.98 -12.55 0.31
N ILE A 56 -20.35 -11.45 -0.07
CA ILE A 56 -19.10 -11.10 0.60
C ILE A 56 -19.32 -10.76 2.07
N SER A 57 -20.57 -10.61 2.48
CA SER A 57 -20.85 -10.23 3.86
C SER A 57 -20.51 -11.32 4.87
N GLU A 58 -20.25 -12.56 4.43
CA GLU A 58 -19.93 -13.72 5.28
CA GLU A 58 -19.97 -13.59 5.43
C GLU A 58 -18.47 -13.78 5.69
N ILE A 59 -17.60 -13.05 4.99
CA ILE A 59 -16.20 -12.95 5.37
C ILE A 59 -16.08 -12.41 6.79
N LEU A 60 -15.16 -12.98 7.58
CA LEU A 60 -14.91 -12.52 8.95
C LEU A 60 -13.70 -11.58 9.04
N ILE A 61 -13.88 -10.48 9.78
CA ILE A 61 -12.78 -9.59 10.18
C ILE A 61 -12.43 -9.96 11.62
N ALA A 62 -11.44 -10.82 11.78
CA ALA A 62 -11.20 -11.42 13.10
C ALA A 62 -10.67 -10.40 14.11
N THR A 63 -9.90 -9.40 13.64
CA THR A 63 -9.30 -8.38 14.51
C THR A 63 -9.41 -7.01 13.85
N PRO A 64 -10.59 -6.41 13.90
CA PRO A 64 -10.73 -5.02 13.44
C PRO A 64 -9.86 -4.08 14.28
N LEU A 65 -9.35 -3.02 13.62
CA LEU A 65 -8.41 -2.08 14.26
C LEU A 65 -8.97 -0.66 14.30
N GLN A 66 -9.09 -0.12 15.52
CA GLN A 66 -9.50 1.27 15.72
CA GLN A 66 -9.50 1.27 15.74
C GLN A 66 -8.27 2.18 15.68
N GLN A 67 -8.26 3.13 14.74
CA GLN A 67 -7.08 3.97 14.45
C GLN A 67 -7.16 5.30 15.22
N VAL A 68 -6.48 5.35 16.37
CA VAL A 68 -6.51 6.51 17.28
C VAL A 68 -5.31 7.43 17.00
N ALA A 69 -5.58 8.72 16.75
CA ALA A 69 -4.55 9.69 16.38
C ALA A 69 -4.06 10.53 17.56
N SER A 70 -2.79 10.99 17.46
CA SER A 70 -2.16 11.92 18.40
C SER A 70 -1.26 12.90 17.65
N GLY A 71 -1.31 14.18 18.03
CA GLY A 71 -0.49 15.21 17.40
C GLY A 71 -1.28 16.43 16.93
N ARG A 72 -0.87 17.02 15.81
CA ARG A 72 -1.58 18.13 15.19
C ARG A 72 -2.12 17.71 13.84
N ALA A 73 -2.97 18.56 13.25
CA ALA A 73 -3.68 18.17 12.05
C ALA A 73 -2.72 17.73 10.95
N GLY A 74 -1.59 18.44 10.78
CA GLY A 74 -0.69 18.12 9.69
C GLY A 74 0.44 17.15 9.99
N VAL A 75 0.66 16.81 11.27
CA VAL A 75 1.75 15.94 11.71
C VAL A 75 1.24 15.13 12.90
N PHE A 76 0.96 13.85 12.68
CA PHE A 76 0.39 13.02 13.74
C PHE A 76 0.86 11.58 13.60
N THR A 77 0.67 10.81 14.68
CA THR A 77 0.85 9.36 14.64
C THR A 77 -0.50 8.68 14.93
N GLN A 78 -0.62 7.39 14.56
CA GLN A 78 -1.84 6.64 14.87
C GLN A 78 -1.46 5.31 15.51
N TYR A 79 -2.22 4.90 16.54
CA TYR A 79 -2.02 3.58 17.11
C TYR A 79 -3.29 2.75 16.92
N HIS A 80 -3.10 1.44 16.83
CA HIS A 80 -4.16 0.52 16.45
C HIS A 80 -4.65 -0.21 17.69
N LYS A 81 -5.90 0.02 18.06
CA LYS A 81 -6.53 -0.64 19.19
C LYS A 81 -7.39 -1.80 18.69
N LYS A 82 -7.12 -3.01 19.19
CA LYS A 82 -7.84 -4.19 18.72
C LYS A 82 -9.27 -4.19 19.24
N LYS A 83 -10.20 -4.52 18.36
CA LYS A 83 -11.62 -4.65 18.70
C LYS A 83 -12.09 -6.07 18.47
N LYS A 84 -13.32 -6.35 18.92
CA LYS A 84 -13.89 -7.68 18.79
C LYS A 84 -14.25 -7.97 17.33
N ALA A 85 -14.25 -9.27 16.99
CA ALA A 85 -14.48 -9.71 15.62
C ALA A 85 -15.87 -9.31 15.13
N MET A 86 -15.96 -9.01 13.83
CA MET A 86 -17.24 -8.76 13.16
C MET A 86 -17.19 -9.27 11.72
N THR A 87 -18.37 -9.58 11.17
CA THR A 87 -18.43 -9.95 9.76
C THR A 87 -18.34 -8.69 8.89
N VAL A 88 -18.06 -8.91 7.60
CA VAL A 88 -18.07 -7.80 6.65
C VAL A 88 -19.47 -7.15 6.57
N GLY A 89 -20.54 -7.93 6.75
CA GLY A 89 -21.88 -7.35 6.80
C GLY A 89 -22.06 -6.41 7.98
N GLU A 90 -21.56 -6.80 9.15
CA GLU A 90 -21.61 -5.93 10.32
C GLU A 90 -20.73 -4.70 10.11
N TYR A 91 -19.56 -4.90 9.51
CA TYR A 91 -18.62 -3.79 9.26
C TYR A 91 -19.22 -2.75 8.30
N ARG A 92 -19.85 -3.19 7.22
CA ARG A 92 -20.46 -2.28 6.25
C ARG A 92 -21.59 -1.47 6.90
N HIS A 93 -22.41 -2.11 7.72
CA HIS A 93 -23.45 -1.39 8.46
C HIS A 93 -22.86 -0.33 9.39
N LEU A 94 -21.75 -0.65 10.06
CA LEU A 94 -21.07 0.32 10.92
C LEU A 94 -20.51 1.49 10.12
N ALA A 95 -19.85 1.21 8.98
CA ALA A 95 -19.32 2.28 8.14
C ALA A 95 -20.41 3.26 7.67
N ASN A 96 -21.63 2.78 7.43
CA ASN A 96 -22.72 3.63 6.93
C ASN A 96 -23.51 4.30 8.06
N SER A 97 -23.14 4.06 9.31
CA SER A 97 -23.88 4.67 10.41
C SER A 97 -23.61 6.18 10.47
N LYS A 98 -24.46 6.91 11.20
CA LYS A 98 -24.28 8.35 11.30
C LYS A 98 -22.91 8.70 11.91
N LYS A 99 -22.45 7.90 12.87
CA LYS A 99 -21.19 8.21 13.56
C LYS A 99 -19.97 8.12 12.62
N TYR A 100 -19.99 7.21 11.64
CA TYR A 100 -18.80 6.91 10.83
C TYR A 100 -18.94 7.24 9.34
N GLN A 101 -20.12 7.60 8.83
CA GLN A 101 -20.31 7.76 7.38
C GLN A 101 -19.64 9.02 6.81
N THR A 102 -19.33 8.95 5.52
CA THR A 102 -18.79 10.09 4.77
C THR A 102 -19.70 11.32 4.90
N PRO A 103 -19.13 12.51 5.14
CA PRO A 103 -19.94 13.73 5.26
C PRO A 103 -20.33 14.30 3.90
N PRO A 104 -21.36 15.14 3.85
CA PRO A 104 -21.66 15.88 2.61
C PRO A 104 -20.45 16.64 2.11
N HIS A 105 -20.29 16.68 0.78
CA HIS A 105 -19.10 17.29 0.16
C HIS A 105 -19.39 17.62 -1.31
N GLN A 106 -18.64 18.58 -1.85
CA GLN A 106 -18.88 19.03 -3.22
C GLN A 106 -18.17 18.16 -4.27
N ASN A 107 -16.96 17.67 -3.97
CA ASN A 107 -16.14 16.92 -4.92
C ASN A 107 -14.97 16.31 -4.16
N PHE A 108 -14.05 15.65 -4.89
CA PHE A 108 -12.92 14.97 -4.22
C PHE A 108 -12.03 15.98 -3.49
N GLU A 109 -11.83 17.17 -4.06
CA GLU A 109 -10.98 18.20 -3.46
CA GLU A 109 -10.96 18.17 -3.43
C GLU A 109 -11.56 18.69 -2.14
N ASP A 110 -12.87 18.90 -2.08
CA ASP A 110 -13.53 19.28 -0.83
C ASP A 110 -13.37 18.21 0.24
N LEU A 111 -13.52 16.94 -0.14
CA LEU A 111 -13.41 15.85 0.83
C LEU A 111 -11.98 15.70 1.33
N GLU A 112 -10.98 15.89 0.44
CA GLU A 112 -9.58 15.90 0.85
C GLU A 112 -9.29 17.01 1.87
N ARG A 113 -9.82 18.22 1.64
CA ARG A 113 -9.70 19.30 2.62
C ARG A 113 -10.30 18.91 3.97
N LYS A 114 -11.48 18.31 3.95
CA LYS A 114 -12.13 17.87 5.19
C LYS A 114 -11.32 16.77 5.89
N TYR A 115 -10.72 15.85 5.12
CA TYR A 115 -9.89 14.81 5.74
C TYR A 115 -8.75 15.42 6.56
N TRP A 116 -7.94 16.29 5.94
CA TRP A 116 -6.76 16.81 6.64
C TRP A 116 -7.13 17.81 7.74
N LYS A 117 -8.27 18.50 7.61
CA LYS A 117 -8.67 19.41 8.67
C LYS A 117 -9.13 18.63 9.90
N ASN A 118 -9.86 17.53 9.70
CA ASN A 118 -10.62 16.85 10.74
C ASN A 118 -10.19 15.42 11.11
N ARG A 119 -9.23 14.81 10.40
CA ARG A 119 -8.89 13.39 10.65
C ARG A 119 -8.57 13.12 12.12
N ILE A 120 -7.78 13.99 12.76
CA ILE A 120 -7.26 13.62 14.08
C ILE A 120 -8.34 13.59 15.15
N TYR A 121 -9.51 14.17 14.87
CA TYR A 121 -10.57 14.26 15.87
C TYR A 121 -11.54 13.06 15.84
N ASN A 122 -11.24 12.03 15.06
CA ASN A 122 -12.08 10.84 14.95
C ASN A 122 -11.20 9.60 14.98
N SER A 123 -11.83 8.43 15.21
CA SER A 123 -11.14 7.13 15.29
C SER A 123 -11.85 6.05 14.46
N PRO A 124 -11.64 6.02 13.15
CA PRO A 124 -12.30 5.01 12.30
C PRO A 124 -11.73 3.61 12.50
N ILE A 125 -12.47 2.60 12.04
CA ILE A 125 -12.15 1.19 12.26
C ILE A 125 -11.76 0.59 10.91
N TYR A 126 -10.62 -0.13 10.87
CA TYR A 126 -9.94 -0.60 9.65
CA TYR A 126 -10.04 -0.61 9.63
C TYR A 126 -9.89 -2.12 9.69
N GLY A 127 -10.36 -2.80 8.66
CA GLY A 127 -10.13 -4.25 8.61
C GLY A 127 -8.95 -4.59 7.72
N ALA A 128 -7.76 -4.84 8.28
CA ALA A 128 -6.54 -4.86 7.49
C ALA A 128 -5.83 -6.20 7.52
N ASP A 129 -5.07 -6.46 6.46
CA ASP A 129 -4.19 -7.62 6.38
C ASP A 129 -4.93 -8.93 6.66
N ILE A 130 -6.04 -9.16 5.96
CA ILE A 130 -6.81 -10.39 6.05
C ILE A 130 -6.38 -11.33 4.92
N SER A 131 -5.71 -12.44 5.24
N SER A 131 -5.75 -12.46 5.25
CA SER A 131 -5.29 -13.38 4.19
CA SER A 131 -5.32 -13.40 4.22
C SER A 131 -6.50 -13.89 3.41
C SER A 131 -6.52 -13.89 3.41
N GLY A 132 -6.47 -13.73 2.09
CA GLY A 132 -7.54 -14.22 1.22
C GLY A 132 -7.55 -13.53 -0.14
N SER A 133 -8.51 -13.95 -0.99
CA SER A 133 -8.65 -13.38 -2.35
C SER A 133 -10.11 -13.36 -2.76
N LEU A 134 -10.49 -12.33 -3.52
CA LEU A 134 -11.81 -12.24 -4.14
C LEU A 134 -11.79 -12.39 -5.66
N PHE A 135 -10.66 -12.73 -6.27
CA PHE A 135 -10.64 -13.04 -7.71
C PHE A 135 -11.22 -14.44 -7.96
N ASP A 136 -12.03 -14.54 -9.01
CA ASP A 136 -12.56 -15.82 -9.47
C ASP A 136 -11.41 -16.66 -10.00
N GLU A 137 -11.41 -17.98 -9.68
CA GLU A 137 -10.31 -18.83 -10.13
C GLU A 137 -10.26 -18.90 -11.65
N ASN A 138 -11.37 -18.63 -12.33
CA ASN A 138 -11.41 -18.63 -13.79
C ASN A 138 -10.93 -17.32 -14.41
N THR A 139 -10.65 -16.29 -13.61
CA THR A 139 -10.05 -15.06 -14.13
C THR A 139 -8.56 -15.30 -14.36
N LYS A 140 -8.14 -15.28 -15.63
CA LYS A 140 -6.78 -15.67 -15.98
C LYS A 140 -5.80 -14.50 -16.05
N GLN A 141 -6.28 -13.28 -16.33
CA GLN A 141 -5.42 -12.10 -16.47
C GLN A 141 -5.41 -11.26 -15.19
N TRP A 142 -4.21 -10.89 -14.73
CA TRP A 142 -4.02 -10.00 -13.58
C TRP A 142 -4.81 -10.48 -12.35
N ASN A 143 -4.77 -11.79 -12.12
CA ASN A 143 -5.35 -12.43 -10.93
C ASN A 143 -4.29 -12.41 -9.85
N LEU A 144 -4.50 -11.60 -8.81
CA LEU A 144 -3.44 -11.39 -7.81
C LEU A 144 -3.16 -12.65 -6.97
N GLY A 145 -3.98 -13.70 -7.07
CA GLY A 145 -3.66 -14.99 -6.46
C GLY A 145 -2.95 -15.98 -7.34
N HIS A 146 -2.63 -15.62 -8.60
CA HIS A 146 -1.97 -16.48 -9.58
C HIS A 146 -0.69 -15.88 -10.12
N LEU A 147 -0.09 -14.89 -9.46
CA LEU A 147 1.16 -14.30 -9.91
C LEU A 147 2.32 -15.25 -9.61
N GLY A 148 3.41 -15.07 -10.35
CA GLY A 148 4.66 -15.76 -10.00
C GLY A 148 5.23 -15.23 -8.70
N THR A 149 5.91 -16.10 -7.95
CA THR A 149 6.29 -15.79 -6.57
C THR A 149 7.66 -15.11 -6.53
N ILE A 150 7.88 -14.34 -5.45
CA ILE A 150 9.18 -13.70 -5.20
C ILE A 150 10.28 -14.76 -5.02
N GLN A 151 9.95 -15.87 -4.36
CA GLN A 151 10.92 -16.96 -4.21
C GLN A 151 11.35 -17.51 -5.57
N ASP A 152 10.41 -17.70 -6.50
CA ASP A 152 10.83 -18.19 -7.81
C ASP A 152 11.61 -17.12 -8.60
N LEU A 153 11.28 -15.84 -8.43
CA LEU A 153 12.05 -14.77 -9.08
C LEU A 153 13.52 -14.81 -8.64
N LEU A 154 13.75 -14.93 -7.32
CA LEU A 154 15.13 -15.04 -6.81
C LEU A 154 15.83 -16.29 -7.33
N GLU A 155 15.12 -17.41 -7.47
CA GLU A 155 15.75 -18.61 -8.01
C GLU A 155 16.13 -18.43 -9.47
N LYS A 156 15.23 -17.85 -10.28
CA LYS A 156 15.53 -17.63 -11.68
C LYS A 156 16.69 -16.66 -11.88
N GLU A 157 16.74 -15.57 -11.10
CA GLU A 157 17.77 -14.54 -11.28
C GLU A 157 19.12 -14.94 -10.65
N CYS A 158 19.10 -15.59 -9.48
CA CYS A 158 20.32 -15.77 -8.69
C CYS A 158 20.66 -17.22 -8.37
N GLY A 159 19.81 -18.19 -8.73
CA GLY A 159 20.10 -19.58 -8.49
C GLY A 159 19.82 -20.03 -7.08
N VAL A 160 19.19 -19.19 -6.30
CA VAL A 160 18.96 -19.36 -4.87
C VAL A 160 17.66 -20.13 -4.67
N VAL A 161 17.69 -21.13 -3.79
CA VAL A 161 16.52 -21.96 -3.48
C VAL A 161 16.18 -21.73 -2.02
N ILE A 162 15.00 -21.17 -1.73
CA ILE A 162 14.64 -20.82 -0.36
C ILE A 162 13.19 -21.21 -0.04
N GLU A 163 12.94 -21.39 1.25
CA GLU A 163 11.61 -21.57 1.81
C GLU A 163 10.80 -20.26 1.72
N GLY A 164 9.47 -20.40 1.92
CA GLY A 164 8.60 -19.24 1.99
C GLY A 164 7.52 -19.21 0.93
N VAL A 165 6.41 -18.53 1.22
CA VAL A 165 5.32 -18.39 0.28
C VAL A 165 4.91 -16.91 0.25
N ASN A 166 3.86 -16.62 -0.54
N ASN A 166 4.06 -16.57 -0.70
CA ASN A 166 3.57 -15.25 -1.04
CA ASN A 166 3.49 -15.24 -0.65
C ASN A 166 2.08 -15.20 -1.46
C ASN A 166 2.13 -15.30 -1.29
N THR A 167 1.17 -14.75 -0.56
CA THR A 167 -0.25 -14.79 -0.87
C THR A 167 -0.91 -13.42 -0.65
N PRO A 168 -2.09 -13.19 -1.24
CA PRO A 168 -2.69 -11.85 -1.16
C PRO A 168 -3.40 -11.59 0.16
N TYR A 169 -3.67 -10.29 0.40
CA TYR A 169 -4.40 -9.79 1.57
C TYR A 169 -5.57 -8.91 1.15
N LEU A 170 -6.63 -8.92 1.97
CA LEU A 170 -7.80 -8.05 1.81
C LEU A 170 -7.79 -6.92 2.84
N TYR A 171 -8.31 -5.75 2.41
CA TYR A 171 -8.44 -4.54 3.24
C TYR A 171 -9.87 -3.98 3.12
N PHE A 172 -10.60 -3.92 4.24
CA PHE A 172 -11.94 -3.34 4.25
C PHE A 172 -11.84 -1.97 4.94
N GLY A 173 -12.28 -0.91 4.27
CA GLY A 173 -12.07 0.45 4.75
C GLY A 173 -13.40 1.18 4.95
N MET A 174 -13.32 2.33 5.64
CA MET A 174 -14.44 3.28 5.82
C MET A 174 -13.87 4.71 5.75
N TRP A 175 -14.76 5.72 5.82
CA TRP A 175 -14.31 7.13 5.82
C TRP A 175 -13.22 7.35 6.86
N LYS A 176 -12.13 7.99 6.43
CA LYS A 176 -10.96 8.41 7.22
C LYS A 176 -9.98 7.27 7.57
N THR A 177 -10.28 6.00 7.27
CA THR A 177 -9.28 4.95 7.52
C THR A 177 -8.04 5.26 6.69
N THR A 178 -6.85 5.07 7.31
CA THR A 178 -5.60 5.70 6.89
C THR A 178 -4.49 4.66 6.76
N PHE A 179 -3.67 4.74 5.69
CA PHE A 179 -2.39 4.04 5.64
C PHE A 179 -1.25 5.05 5.72
N ALA A 180 -0.34 4.83 6.67
CA ALA A 180 0.72 5.75 7.02
C ALA A 180 1.86 5.68 5.98
N TRP A 181 2.81 6.65 6.08
CA TRP A 181 3.94 6.75 5.15
C TRP A 181 4.87 5.54 5.29
N HIS A 182 5.11 4.82 4.17
CA HIS A 182 5.95 3.62 4.19
C HIS A 182 6.41 3.25 2.78
N THR A 183 7.51 2.48 2.72
CA THR A 183 7.80 1.63 1.57
C THR A 183 7.45 0.17 1.93
N GLU A 184 7.44 -0.71 0.93
CA GLU A 184 7.09 -2.11 1.19
C GLU A 184 8.24 -2.83 1.92
N ASP A 185 7.92 -3.97 2.55
CA ASP A 185 8.95 -4.86 3.09
C ASP A 185 10.02 -5.12 2.05
N MET A 186 11.30 -5.01 2.44
CA MET A 186 12.43 -5.28 1.54
C MET A 186 12.40 -4.39 0.28
N ASP A 187 11.66 -3.26 0.34
CA ASP A 187 11.47 -2.32 -0.78
C ASP A 187 11.00 -3.04 -2.05
N LEU A 188 10.09 -4.01 -1.87
CA LEU A 188 9.43 -4.71 -2.98
C LEU A 188 8.43 -3.80 -3.73
N TYR A 189 7.99 -4.26 -4.90
CA TYR A 189 6.81 -3.68 -5.53
C TYR A 189 5.56 -4.10 -4.74
N SER A 190 4.44 -3.40 -4.97
CA SER A 190 3.12 -3.92 -4.61
C SER A 190 2.13 -3.64 -5.74
N ILE A 191 1.07 -4.46 -5.78
CA ILE A 191 -0.06 -4.22 -6.68
C ILE A 191 -1.33 -4.32 -5.86
N ASN A 192 -2.25 -3.38 -6.15
CA ASN A 192 -3.43 -3.12 -5.33
CA ASN A 192 -3.43 -3.13 -5.32
C ASN A 192 -4.64 -2.96 -6.25
N TYR A 193 -5.70 -3.77 -6.03
CA TYR A 193 -6.92 -3.71 -6.83
C TYR A 193 -8.10 -3.29 -5.94
N LEU A 194 -8.82 -2.25 -6.34
CA LEU A 194 -10.03 -1.81 -5.59
C LEU A 194 -11.24 -2.57 -6.14
N HIS A 195 -11.69 -3.59 -5.39
CA HIS A 195 -12.76 -4.46 -5.86
C HIS A 195 -14.12 -3.74 -5.90
N LEU A 196 -14.42 -2.94 -4.87
CA LEU A 196 -15.80 -2.50 -4.63
C LEU A 196 -15.81 -1.26 -3.73
N GLY A 197 -16.77 -0.36 -3.96
CA GLY A 197 -17.07 0.70 -3.02
C GLY A 197 -16.48 2.08 -3.34
N GLU A 198 -16.25 2.90 -2.31
CA GLU A 198 -15.86 4.30 -2.51
C GLU A 198 -14.33 4.42 -2.75
N PRO A 199 -13.87 5.60 -3.23
CA PRO A 199 -12.48 5.72 -3.68
C PRO A 199 -11.46 5.71 -2.55
N LYS A 200 -10.19 5.69 -2.99
CA LYS A 200 -8.99 5.69 -2.13
C LYS A 200 -8.02 6.73 -2.69
N THR A 201 -7.64 7.72 -1.89
CA THR A 201 -6.69 8.74 -2.34
C THR A 201 -5.26 8.38 -1.89
N TRP A 202 -4.29 8.54 -2.80
CA TRP A 202 -2.88 8.16 -2.62
C TRP A 202 -1.98 9.39 -2.72
N TYR A 203 -0.92 9.44 -1.88
CA TYR A 203 0.22 10.36 -1.99
C TYR A 203 1.51 9.55 -2.16
N VAL A 204 2.49 10.06 -2.94
CA VAL A 204 3.69 9.28 -3.27
C VAL A 204 4.89 10.22 -3.49
N VAL A 205 6.05 9.81 -2.99
CA VAL A 205 7.33 10.50 -3.19
C VAL A 205 8.16 9.73 -4.22
N PRO A 206 8.74 10.38 -5.23
CA PRO A 206 9.58 9.64 -6.20
C PRO A 206 10.70 8.87 -5.51
N PRO A 207 10.99 7.62 -5.94
CA PRO A 207 12.08 6.87 -5.30
C PRO A 207 13.42 7.61 -5.26
N GLU A 208 13.74 8.40 -6.31
CA GLU A 208 15.02 9.10 -6.31
C GLU A 208 15.08 10.20 -5.26
N HIS A 209 13.96 10.55 -4.61
CA HIS A 209 13.96 11.56 -3.55
C HIS A 209 13.49 11.01 -2.19
N GLY A 210 13.47 9.68 -2.03
CA GLY A 210 12.99 9.13 -0.77
C GLY A 210 13.77 9.59 0.45
N GLN A 211 15.09 9.77 0.32
CA GLN A 211 15.87 10.18 1.48
C GLN A 211 15.50 11.58 1.98
N ARG A 212 14.93 12.43 1.10
CA ARG A 212 14.46 13.74 1.57
C ARG A 212 13.27 13.59 2.51
N LEU A 213 12.32 12.72 2.16
CA LEU A 213 11.21 12.40 3.07
C LEU A 213 11.72 11.84 4.40
N GLU A 214 12.69 10.92 4.36
CA GLU A 214 13.24 10.36 5.60
C GLU A 214 13.85 11.44 6.50
N ARG A 215 14.61 12.37 5.92
CA ARG A 215 15.22 13.45 6.69
C ARG A 215 14.17 14.34 7.34
N LEU A 216 13.10 14.69 6.61
CA LEU A 216 12.01 15.45 7.24
C LEU A 216 11.34 14.66 8.36
N ALA A 217 11.08 13.37 8.14
CA ALA A 217 10.47 12.57 9.20
C ALA A 217 11.32 12.56 10.47
N ARG A 218 12.64 12.49 10.34
CA ARG A 218 13.49 12.52 11.54
CA ARG A 218 13.48 12.52 11.54
C ARG A 218 13.35 13.84 12.29
N GLU A 219 13.14 14.94 11.58
CA GLU A 219 12.99 16.26 12.21
C GLU A 219 11.64 16.38 12.89
N LEU A 220 10.59 15.79 12.30
CA LEU A 220 9.22 15.93 12.81
C LEU A 220 8.87 14.92 13.92
N PHE A 221 9.58 13.79 13.99
CA PHE A 221 9.35 12.75 14.99
C PHE A 221 10.68 12.38 15.67
N PRO A 222 11.30 13.34 16.39
CA PRO A 222 12.71 13.14 16.80
C PRO A 222 12.92 12.03 17.84
N GLY A 223 11.99 11.84 18.77
CA GLY A 223 12.12 10.73 19.72
C GLY A 223 12.00 9.37 19.04
N SER A 224 11.08 9.24 18.08
CA SER A 224 10.99 8.00 17.30
C SER A 224 12.28 7.72 16.54
N SER A 225 12.90 8.78 16.00
CA SER A 225 14.15 8.61 15.26
C SER A 225 15.28 8.16 16.16
N ARG A 226 15.34 8.65 17.40
CA ARG A 226 16.38 8.20 18.31
C ARG A 226 16.21 6.73 18.70
N GLY A 227 14.99 6.23 18.70
CA GLY A 227 14.73 4.86 19.13
C GLY A 227 14.92 3.80 18.06
N CYS A 228 14.94 4.18 16.78
CA CYS A 228 15.06 3.20 15.70
C CYS A 228 15.54 3.89 14.43
N GLY A 229 16.52 3.29 13.75
CA GLY A 229 17.08 3.89 12.56
C GLY A 229 16.22 3.77 11.33
N ALA A 230 15.12 3.01 11.41
CA ALA A 230 14.19 2.83 10.29
C ALA A 230 12.74 2.87 10.78
N PHE A 231 12.39 3.90 11.57
CA PHE A 231 11.09 3.88 12.26
C PHE A 231 9.89 4.01 11.32
N LEU A 232 10.06 4.46 10.07
CA LEU A 232 8.91 4.49 9.18
C LEU A 232 8.40 3.06 8.85
N ARG A 233 9.23 2.03 9.07
CA ARG A 233 8.79 0.64 8.95
C ARG A 233 7.71 0.27 9.97
N HIS A 234 7.57 1.05 11.05
CA HIS A 234 6.47 0.82 12.01
C HIS A 234 5.10 1.17 11.43
N LYS A 235 5.06 1.98 10.36
CA LYS A 235 3.84 2.35 9.67
C LYS A 235 2.82 3.04 10.58
N VAL A 236 3.24 4.09 11.28
CA VAL A 236 2.35 4.85 12.14
C VAL A 236 2.41 6.36 11.95
N ALA A 237 3.25 6.89 11.04
CA ALA A 237 3.43 8.33 10.93
C ALA A 237 2.73 8.93 9.71
N LEU A 238 2.05 10.08 9.92
CA LEU A 238 1.39 10.84 8.86
C LEU A 238 1.92 12.26 8.80
N ILE A 239 2.07 12.77 7.56
CA ILE A 239 2.50 14.13 7.22
C ILE A 239 1.62 14.61 6.07
N SER A 240 0.99 15.77 6.22
CA SER A 240 0.01 16.28 5.24
C SER A 240 0.69 16.87 4.00
N PRO A 241 -0.04 16.98 2.89
CA PRO A 241 0.54 17.65 1.72
C PRO A 241 0.93 19.11 1.97
N THR A 242 0.19 19.83 2.83
CA THR A 242 0.59 21.19 3.15
C THR A 242 1.96 21.24 3.84
N VAL A 243 2.22 20.32 4.77
CA VAL A 243 3.52 20.31 5.45
C VAL A 243 4.63 19.86 4.50
N LEU A 244 4.34 18.90 3.62
CA LEU A 244 5.35 18.50 2.62
C LEU A 244 5.74 19.69 1.73
N LYS A 245 4.76 20.45 1.24
CA LYS A 245 5.04 21.64 0.43
C LYS A 245 5.85 22.67 1.20
N GLU A 246 5.49 22.94 2.46
CA GLU A 246 6.21 23.94 3.25
C GLU A 246 7.68 23.58 3.39
N ASN A 247 8.01 22.28 3.34
CA ASN A 247 9.38 21.80 3.53
C ASN A 247 10.05 21.37 2.21
N GLY A 248 9.46 21.71 1.08
CA GLY A 248 10.09 21.47 -0.21
C GLY A 248 10.22 20.02 -0.64
N ILE A 249 9.39 19.11 -0.11
CA ILE A 249 9.49 17.67 -0.43
C ILE A 249 8.74 17.38 -1.73
N PRO A 250 9.37 16.81 -2.76
CA PRO A 250 8.62 16.49 -3.99
CA PRO A 250 8.62 16.49 -3.99
C PRO A 250 7.66 15.33 -3.77
N PHE A 251 6.41 15.49 -4.23
CA PHE A 251 5.40 14.44 -4.13
C PHE A 251 4.32 14.64 -5.19
N ASN A 252 3.47 13.61 -5.36
CA ASN A 252 2.31 13.67 -6.24
C ASN A 252 1.12 12.99 -5.55
N ARG A 253 -0.10 13.25 -6.06
CA ARG A 253 -1.31 12.64 -5.51
C ARG A 253 -2.24 12.19 -6.64
N ILE A 254 -3.08 11.17 -6.35
CA ILE A 254 -4.06 10.67 -7.33
C ILE A 254 -5.12 9.89 -6.56
N THR A 255 -6.35 9.87 -7.10
CA THR A 255 -7.45 9.10 -6.50
C THR A 255 -7.78 7.87 -7.35
N GLN A 256 -7.86 6.70 -6.69
CA GLN A 256 -8.18 5.40 -7.30
C GLN A 256 -9.67 5.10 -7.08
N GLU A 257 -10.37 4.64 -8.13
CA GLU A 257 -11.78 4.28 -8.08
C GLU A 257 -11.95 2.77 -8.31
N ALA A 258 -13.11 2.26 -7.92
CA ALA A 258 -13.40 0.83 -8.02
C ALA A 258 -13.21 0.33 -9.45
N GLY A 259 -12.54 -0.81 -9.57
CA GLY A 259 -12.24 -1.39 -10.88
C GLY A 259 -10.88 -1.05 -11.43
N GLU A 260 -10.04 -0.34 -10.67
CA GLU A 260 -8.75 0.13 -11.13
C GLU A 260 -7.64 -0.50 -10.29
N PHE A 261 -6.48 -0.75 -10.94
CA PHE A 261 -5.26 -1.21 -10.27
C PHE A 261 -4.30 -0.04 -10.02
N MET A 262 -3.55 -0.11 -8.89
CA MET A 262 -2.39 0.74 -8.62
C MET A 262 -1.15 -0.12 -8.36
N VAL A 263 -0.01 0.22 -8.99
CA VAL A 263 1.28 -0.44 -8.75
C VAL A 263 2.21 0.55 -8.04
N THR A 264 2.80 0.14 -6.90
CA THR A 264 3.88 0.91 -6.27
C THR A 264 5.21 0.24 -6.60
N PHE A 265 6.24 1.08 -6.81
CA PHE A 265 7.55 0.65 -7.31
C PHE A 265 8.57 0.63 -6.16
N PRO A 266 9.68 -0.11 -6.33
CA PRO A 266 10.68 -0.20 -5.25
C PRO A 266 11.12 1.16 -4.69
N TYR A 267 11.06 1.28 -3.35
CA TYR A 267 11.48 2.44 -2.58
C TYR A 267 10.62 3.67 -2.90
N GLY A 268 9.38 3.45 -3.37
CA GLY A 268 8.42 4.54 -3.47
C GLY A 268 7.56 4.71 -2.23
N TYR A 269 7.85 5.74 -1.43
CA TYR A 269 7.08 6.02 -0.20
C TYR A 269 5.67 6.45 -0.57
N HIS A 270 4.67 5.91 0.14
CA HIS A 270 3.26 6.27 -0.11
C HIS A 270 2.46 6.26 1.19
N ALA A 271 1.31 6.97 1.15
CA ALA A 271 0.36 7.12 2.26
C ALA A 271 -1.00 7.45 1.62
N GLY A 272 -2.08 7.37 2.40
CA GLY A 272 -3.37 7.75 1.86
C GLY A 272 -4.56 7.45 2.77
N PHE A 273 -5.77 7.61 2.20
CA PHE A 273 -6.99 7.41 2.99
C PHE A 273 -8.16 6.97 2.12
N ASN A 274 -9.18 6.39 2.78
CA ASN A 274 -10.40 5.91 2.12
C ASN A 274 -11.55 6.89 2.27
N HIS A 275 -12.39 6.97 1.22
CA HIS A 275 -13.47 7.96 1.15
C HIS A 275 -14.76 7.49 1.83
N GLY A 276 -14.90 6.19 2.05
CA GLY A 276 -16.14 5.55 2.49
C GLY A 276 -15.95 4.04 2.48
N PHE A 277 -17.03 3.28 2.70
CA PHE A 277 -16.92 1.82 2.69
C PHE A 277 -16.32 1.29 1.38
N ASN A 278 -15.27 0.46 1.47
CA ASN A 278 -14.70 -0.17 0.28
C ASN A 278 -13.93 -1.45 0.64
N CYS A 279 -13.49 -2.17 -0.40
CA CYS A 279 -12.74 -3.43 -0.24
C CYS A 279 -11.64 -3.46 -1.29
N ALA A 280 -10.39 -3.57 -0.85
CA ALA A 280 -9.25 -3.71 -1.77
C ALA A 280 -8.49 -5.01 -1.50
N GLU A 281 -7.73 -5.45 -2.51
CA GLU A 281 -6.87 -6.65 -2.44
C GLU A 281 -5.46 -6.29 -2.93
N ALA A 282 -4.42 -6.74 -2.20
CA ALA A 282 -3.05 -6.38 -2.52
C ALA A 282 -2.06 -7.51 -2.25
N ILE A 283 -0.93 -7.49 -2.98
CA ILE A 283 0.15 -8.47 -2.81
C ILE A 283 1.48 -7.80 -3.20
N ASN A 284 2.56 -8.20 -2.53
CA ASN A 284 3.89 -7.80 -2.99
C ASN A 284 4.39 -8.70 -4.11
N PHE A 285 5.28 -8.16 -4.97
CA PHE A 285 5.92 -8.92 -6.02
C PHE A 285 7.29 -8.32 -6.36
N ALA A 286 8.05 -9.07 -7.19
CA ALA A 286 9.40 -8.72 -7.60
C ALA A 286 9.59 -8.86 -9.11
N THR A 287 10.61 -8.15 -9.61
CA THR A 287 11.15 -8.24 -10.97
C THR A 287 12.67 -8.28 -10.90
N PRO A 288 13.37 -8.53 -12.02
CA PRO A 288 14.84 -8.46 -11.95
C PRO A 288 15.38 -7.12 -11.43
N ARG A 289 14.73 -5.98 -11.74
CA ARG A 289 15.22 -4.68 -11.29
C ARG A 289 15.09 -4.48 -9.78
N TRP A 290 14.21 -5.23 -9.13
CA TRP A 290 14.06 -5.13 -7.67
C TRP A 290 15.31 -5.59 -6.91
N ILE A 291 16.07 -6.55 -7.45
CA ILE A 291 17.06 -7.27 -6.62
C ILE A 291 18.02 -6.30 -5.92
N ASP A 292 18.51 -5.29 -6.65
CA ASP A 292 19.47 -4.37 -6.01
C ASP A 292 18.81 -3.52 -4.91
N TYR A 293 17.51 -3.17 -5.05
CA TYR A 293 16.80 -2.52 -3.96
C TYR A 293 16.68 -3.42 -2.72
N GLY A 294 16.32 -4.68 -2.94
CA GLY A 294 16.33 -5.64 -1.83
C GLY A 294 17.65 -5.69 -1.09
N LYS A 295 18.77 -5.58 -1.82
CA LYS A 295 20.06 -5.66 -1.15
C LYS A 295 20.34 -4.44 -0.27
N MET A 296 19.79 -3.29 -0.61
CA MET A 296 20.05 -2.04 0.09
C MET A 296 18.97 -1.63 1.09
N ALA A 297 17.91 -2.40 1.23
CA ALA A 297 16.77 -1.95 2.04
C ALA A 297 17.12 -1.81 3.52
N SER A 298 16.62 -0.75 4.14
CA SER A 298 16.78 -0.54 5.58
C SER A 298 15.95 -1.56 6.35
N GLN A 299 16.31 -1.76 7.61
CA GLN A 299 15.56 -2.69 8.45
C GLN A 299 15.34 -2.06 9.81
N CYS A 300 14.18 -2.35 10.38
CA CYS A 300 13.84 -1.86 11.71
C CYS A 300 14.81 -2.44 12.74
N SER A 301 15.43 -1.56 13.55
CA SER A 301 16.51 -1.94 14.46
C SER A 301 16.06 -2.05 15.92
N CYS A 302 14.76 -1.99 16.21
CA CYS A 302 14.29 -1.93 17.59
C CYS A 302 13.31 -3.04 17.96
N GLY A 303 12.80 -3.80 17.00
CA GLY A 303 11.88 -4.88 17.28
C GLY A 303 10.41 -4.57 17.08
N GLU A 304 10.04 -3.31 16.86
CA GLU A 304 8.61 -2.97 16.75
C GLU A 304 8.00 -3.55 15.46
N ALA A 305 8.69 -3.46 14.35
CA ALA A 305 8.07 -3.88 13.09
C ALA A 305 8.08 -5.41 12.96
N ARG A 306 7.05 -5.93 12.30
CA ARG A 306 6.92 -7.37 12.11
C ARG A 306 7.74 -7.82 10.90
N VAL A 307 8.59 -8.82 11.11
CA VAL A 307 9.30 -9.53 10.04
C VAL A 307 8.66 -10.91 9.88
N THR A 308 8.12 -11.18 8.69
CA THR A 308 7.43 -12.43 8.43
C THR A 308 8.40 -13.57 8.24
N PHE A 309 7.85 -14.79 8.31
CA PHE A 309 8.58 -16.00 7.95
C PHE A 309 9.25 -15.85 6.59
N SER A 310 8.50 -15.38 5.58
CA SER A 310 9.09 -15.28 4.24
C SER A 310 10.19 -14.22 4.17
N MET A 311 10.01 -13.10 4.87
CA MET A 311 11.01 -12.03 4.82
C MET A 311 12.33 -12.47 5.44
N ASP A 312 12.31 -13.38 6.42
CA ASP A 312 13.54 -13.91 7.01
C ASP A 312 14.52 -14.42 5.96
N ALA A 313 14.04 -15.23 5.01
CA ALA A 313 14.93 -15.78 4.00
C ALA A 313 15.44 -14.69 3.05
N PHE A 314 14.63 -13.68 2.72
CA PHE A 314 15.16 -12.58 1.91
C PHE A 314 16.35 -11.91 2.59
N VAL A 315 16.25 -11.65 3.90
CA VAL A 315 17.35 -11.00 4.63
C VAL A 315 18.56 -11.92 4.68
N ARG A 316 18.33 -13.22 4.92
CA ARG A 316 19.42 -14.20 5.05
C ARG A 316 20.28 -14.26 3.79
N ILE A 317 19.65 -14.24 2.61
CA ILE A 317 20.36 -14.35 1.33
C ILE A 317 20.88 -13.00 0.84
N LEU A 318 20.05 -11.95 0.86
CA LEU A 318 20.44 -10.67 0.26
C LEU A 318 21.25 -9.78 1.22
N GLN A 319 21.06 -9.93 2.53
CA GLN A 319 21.73 -9.11 3.56
C GLN A 319 22.36 -9.97 4.64
N PRO A 320 23.30 -10.86 4.27
CA PRO A 320 23.88 -11.77 5.28
C PRO A 320 24.55 -11.09 6.46
N GLU A 321 25.15 -9.89 6.30
CA GLU A 321 25.72 -9.22 7.46
C GLU A 321 24.64 -8.83 8.46
N ARG A 322 23.52 -8.29 7.97
CA ARG A 322 22.45 -7.91 8.90
C ARG A 322 21.84 -9.14 9.57
N TYR A 323 21.74 -10.24 8.82
CA TYR A 323 21.19 -11.47 9.39
C TYR A 323 22.07 -12.01 10.52
N ASP A 324 23.38 -12.09 10.27
CA ASP A 324 24.28 -12.60 11.29
C ASP A 324 24.22 -11.72 12.53
N LEU A 325 24.09 -10.40 12.35
CA LEU A 325 24.04 -9.51 13.51
C LEU A 325 22.80 -9.78 14.33
N TRP A 326 21.64 -9.95 13.69
N TRP A 326 21.64 -9.94 13.69
CA TRP A 326 20.47 -10.47 14.41
CA TRP A 326 20.47 -10.49 14.38
C TRP A 326 20.77 -11.81 15.06
C TRP A 326 20.82 -11.79 15.09
N LYS A 327 21.77 -12.54 14.54
CA LYS A 327 22.20 -13.84 15.09
C LYS A 327 21.17 -14.91 14.80
#